data_4QMO
#
_entry.id   4QMO
#
_cell.length_a   99.353
_cell.length_b   58.737
_cell.length_c   61.638
_cell.angle_alpha   90.00
_cell.angle_beta   93.44
_cell.angle_gamma   90.00
#
_symmetry.space_group_name_H-M   'C 1 2 1'
#
loop_
_entity.id
_entity.type
_entity.pdbx_description
1 polymer 'Serine/threonine-protein kinase 24'
2 non-polymer 1,2-ETHANEDIOL
3 non-polymer (8Z)-8-(1H-imidazol-5-ylmethylidene)-6,8-dihydro-7H-[1,3]thiazolo[5,4-e]indol-7-one
4 non-polymer 'TETRAETHYLENE GLYCOL'
5 non-polymer 'DIMETHYL SULFOXIDE'
6 non-polymer 'CHLORIDE ION'
7 water water
#
_entity_poly.entity_id   1
_entity_poly.type   'polypeptide(L)'
_entity_poly.pdbx_seq_one_letter_code
;GPLGSEFMAHSPVQSGLPGMQNLKADPEELFTKLEKIGKGSFGEVFKGIDNRTQKVVAIKIIDLEEAEDEIEDIQQEITV
LSQCDSPYVTKYYGSYLKDTKLWIIMEYLGGGSALDLLEPGPLDETQIATILREILKGLDYLHSEKKIHRDIKAANVLLS
EHGEVKLADFGVAGQLTDTQIKRN(TPO)FVGTPFWMAPEVIKQSAYDSKADIWSLGITAIELARGEPPHSELHPMKVLF
LIPKNNPPTLEGNYSKPLKEFVEACLNKEPSFRPTAKELLKHKFILRNAKKTSYLTELIDRYKRWKAEQSHDDS
;
_entity_poly.pdbx_strand_id   A
#
loop_
_chem_comp.id
_chem_comp.type
_chem_comp.name
_chem_comp.formula
34L non-polymer (8Z)-8-(1H-imidazol-5-ylmethylidene)-6,8-dihydro-7H-[1,3]thiazolo[5,4-e]indol-7-one 'C13 H8 N4 O S'
CL non-polymer 'CHLORIDE ION' 'Cl -1'
DMS non-polymer 'DIMETHYL SULFOXIDE' 'C2 H6 O S'
EDO non-polymer 1,2-ETHANEDIOL 'C2 H6 O2'
PG4 non-polymer 'TETRAETHYLENE GLYCOL' 'C8 H18 O5'
#
# COMPACT_ATOMS: atom_id res chain seq x y z
N GLY A 16 -21.24 7.67 -12.67
CA GLY A 16 -20.46 8.79 -12.17
C GLY A 16 -19.10 8.40 -11.62
N LEU A 17 -18.08 9.20 -11.96
CA LEU A 17 -16.73 8.98 -11.45
C LEU A 17 -16.29 10.19 -10.62
N PRO A 18 -16.11 10.00 -9.30
CA PRO A 18 -15.70 11.11 -8.42
C PRO A 18 -14.48 11.87 -8.94
N GLY A 19 -14.55 13.21 -8.94
CA GLY A 19 -13.44 14.04 -9.36
C GLY A 19 -13.22 14.12 -10.87
N MET A 20 -14.14 13.54 -11.65
CA MET A 20 -14.02 13.62 -13.09
C MET A 20 -14.08 15.09 -13.50
N GLN A 21 -13.11 15.53 -14.29
CA GLN A 21 -13.01 16.93 -14.67
C GLN A 21 -13.77 17.23 -15.95
N ASN A 22 -13.91 18.52 -16.26
CA ASN A 22 -14.54 18.94 -17.51
C ASN A 22 -13.91 18.20 -18.67
N LEU A 23 -14.77 17.55 -19.46
CA LEU A 23 -14.32 16.72 -20.58
C LEU A 23 -13.70 17.57 -21.69
N LYS A 24 -13.84 18.88 -21.54
CA LYS A 24 -13.23 19.88 -22.40
C LYS A 24 -11.74 20.08 -22.05
N ALA A 25 -11.41 19.91 -20.77
CA ALA A 25 -10.04 20.07 -20.29
C ALA A 25 -9.12 19.02 -20.92
N ASP A 26 -7.93 19.45 -21.33
CA ASP A 26 -6.98 18.56 -21.98
C ASP A 26 -5.79 18.29 -21.06
N PRO A 27 -5.74 17.06 -20.51
CA PRO A 27 -4.68 16.73 -19.54
C PRO A 27 -3.28 16.84 -20.17
N GLU A 28 -3.16 16.66 -21.48
CA GLU A 28 -1.86 16.75 -22.12
C GLU A 28 -1.37 18.19 -22.17
N GLU A 29 -2.31 19.12 -22.00
CA GLU A 29 -2.02 20.55 -21.90
C GLU A 29 -1.71 20.93 -20.45
N LEU A 30 -2.57 20.45 -19.54
CA LEU A 30 -2.50 20.82 -18.14
C LEU A 30 -1.35 20.15 -17.38
N PHE A 31 -0.92 18.99 -17.86
CA PHE A 31 0.19 18.29 -17.21
C PHE A 31 1.30 17.93 -18.19
N THR A 32 2.53 18.09 -17.72
CA THR A 32 3.68 17.56 -18.42
C THR A 32 3.94 16.14 -17.97
N LYS A 33 3.76 15.17 -18.87
CA LYS A 33 3.96 13.76 -18.53
C LYS A 33 5.43 13.42 -18.59
N LEU A 34 5.96 12.83 -17.51
CA LEU A 34 7.38 12.49 -17.46
C LEU A 34 7.57 10.97 -17.42
N GLU A 35 8.60 10.49 -16.70
CA GLU A 35 8.96 9.08 -16.78
C GLU A 35 8.04 8.18 -15.96
N LYS A 36 7.99 6.91 -16.33
CA LYS A 36 7.22 5.91 -15.58
C LYS A 36 7.82 5.68 -14.20
N ILE A 37 6.95 5.60 -13.19
CA ILE A 37 7.42 5.38 -11.83
C ILE A 37 6.74 4.18 -11.18
N GLY A 38 5.76 3.60 -11.86
CA GLY A 38 5.08 2.44 -11.30
C GLY A 38 3.85 2.00 -12.07
N LYS A 39 3.01 1.19 -11.44
CA LYS A 39 1.78 0.73 -12.08
C LYS A 39 0.74 0.32 -11.06
N GLY A 40 -0.53 0.52 -11.42
CA GLY A 40 -1.63 0.12 -10.57
C GLY A 40 -2.26 -1.12 -11.16
N SER A 41 -3.52 -1.38 -10.81
CA SER A 41 -4.22 -2.59 -11.26
C SER A 41 -4.22 -2.75 -12.78
N PHE A 42 -4.43 -1.64 -13.49
CA PHE A 42 -4.55 -1.70 -14.94
C PHE A 42 -3.59 -0.73 -15.64
N GLY A 43 -3.45 0.47 -15.09
CA GLY A 43 -2.65 1.48 -15.75
C GLY A 43 -1.25 1.65 -15.20
N GLU A 44 -0.36 2.15 -16.04
CA GLU A 44 0.97 2.56 -15.61
C GLU A 44 0.88 3.92 -14.91
N VAL A 45 1.81 4.17 -13.99
CA VAL A 45 1.86 5.43 -13.28
C VAL A 45 3.09 6.23 -13.66
N PHE A 46 2.90 7.51 -13.97
CA PHE A 46 3.97 8.37 -14.41
C PHE A 46 4.17 9.56 -13.46
N LYS A 47 5.42 9.97 -13.30
CA LYS A 47 5.69 11.27 -12.72
C LYS A 47 5.17 12.33 -13.68
N GLY A 48 4.59 13.40 -13.15
CA GLY A 48 4.10 14.47 -14.01
C GLY A 48 4.26 15.82 -13.33
N ILE A 49 4.17 16.89 -14.11
CA ILE A 49 4.20 18.24 -13.56
C ILE A 49 2.87 18.91 -13.85
N ASP A 50 2.23 19.45 -12.82
CA ASP A 50 1.06 20.31 -12.97
C ASP A 50 1.57 21.61 -13.62
N ASN A 51 1.13 21.91 -14.84
CA ASN A 51 1.71 23.05 -15.55
C ASN A 51 1.30 24.42 -14.98
N ARG A 52 0.26 24.44 -14.16
CA ARG A 52 -0.20 25.68 -13.54
C ARG A 52 0.51 25.99 -12.21
N THR A 53 0.82 24.96 -11.44
CA THR A 53 1.42 25.15 -10.11
C THR A 53 2.89 24.77 -10.08
N GLN A 54 3.30 23.96 -11.05
CA GLN A 54 4.62 23.32 -11.11
C GLN A 54 4.83 22.30 -9.97
N LYS A 55 3.76 21.91 -9.30
CA LYS A 55 3.88 20.80 -8.36
C LYS A 55 4.03 19.50 -9.15
N VAL A 56 4.78 18.56 -8.60
CA VAL A 56 4.89 17.23 -9.20
C VAL A 56 3.70 16.40 -8.77
N VAL A 57 3.17 15.60 -9.69
CA VAL A 57 2.04 14.73 -9.38
C VAL A 57 2.34 13.33 -9.92
N ALA A 58 1.52 12.36 -9.52
CA ALA A 58 1.59 11.03 -10.10
C ALA A 58 0.37 10.85 -10.98
N ILE A 59 0.59 10.41 -12.21
CA ILE A 59 -0.49 10.28 -13.19
C ILE A 59 -0.65 8.84 -13.63
N LYS A 60 -1.76 8.21 -13.27
CA LYS A 60 -2.05 6.87 -13.77
C LYS A 60 -2.92 6.96 -15.00
N ILE A 61 -2.48 6.32 -16.08
CA ILE A 61 -3.21 6.38 -17.34
C ILE A 61 -3.79 5.01 -17.68
N ILE A 62 -5.10 4.97 -17.82
CA ILE A 62 -5.82 3.75 -18.18
C ILE A 62 -6.50 3.90 -19.55
N ASP A 63 -6.23 2.98 -20.47
CA ASP A 63 -6.94 2.96 -21.76
C ASP A 63 -8.29 2.25 -21.58
N LEU A 64 -9.38 3.02 -21.67
CA LEU A 64 -10.72 2.51 -21.44
C LEU A 64 -11.27 1.66 -22.59
N GLU A 65 -10.71 1.85 -23.77
CA GLU A 65 -11.10 1.10 -24.95
C GLU A 65 -10.58 -0.33 -24.79
N GLU A 66 -9.47 -0.44 -24.08
CA GLU A 66 -8.72 -1.68 -23.89
C GLU A 66 -9.11 -2.32 -22.57
N ALA A 67 -10.38 -2.18 -22.22
CA ALA A 67 -10.79 -2.39 -20.83
C ALA A 67 -12.28 -2.68 -20.69
N GLU A 68 -12.61 -3.84 -20.12
CA GLU A 68 -13.96 -4.23 -19.77
C GLU A 68 -13.89 -5.06 -18.48
N ASP A 69 -14.90 -4.89 -17.61
CA ASP A 69 -14.93 -5.41 -16.23
C ASP A 69 -14.03 -4.53 -15.37
N GLU A 70 -13.01 -3.95 -16.00
CA GLU A 70 -12.05 -3.11 -15.32
C GLU A 70 -12.67 -1.80 -14.84
N ILE A 71 -13.65 -1.29 -15.60
CA ILE A 71 -14.12 0.07 -15.34
C ILE A 71 -14.82 0.17 -13.99
N GLU A 72 -15.59 -0.85 -13.60
CA GLU A 72 -16.19 -0.82 -12.27
C GLU A 72 -15.13 -0.92 -11.17
N ASP A 73 -14.05 -1.65 -11.44
CA ASP A 73 -12.94 -1.71 -10.51
C ASP A 73 -12.28 -0.33 -10.40
N ILE A 74 -12.12 0.34 -11.54
CA ILE A 74 -11.54 1.69 -11.58
C ILE A 74 -12.40 2.68 -10.80
N GLN A 75 -13.71 2.63 -11.04
CA GLN A 75 -14.62 3.48 -10.30
C GLN A 75 -14.58 3.21 -8.80
N GLN A 76 -14.47 1.95 -8.41
CA GLN A 76 -14.46 1.66 -6.98
C GLN A 76 -13.20 2.29 -6.37
N GLU A 77 -12.07 2.11 -7.06
CA GLU A 77 -10.79 2.63 -6.58
C GLU A 77 -10.85 4.14 -6.36
N ILE A 78 -11.28 4.85 -7.39
CA ILE A 78 -11.35 6.30 -7.34
C ILE A 78 -12.39 6.75 -6.31
N THR A 79 -13.50 6.04 -6.20
CA THR A 79 -14.48 6.36 -5.16
C THR A 79 -13.84 6.25 -3.77
N VAL A 80 -13.15 5.15 -3.53
CA VAL A 80 -12.54 4.93 -2.21
C VAL A 80 -11.50 6.02 -1.95
N LEU A 81 -10.64 6.25 -2.93
CA LEU A 81 -9.57 7.25 -2.80
C LEU A 81 -10.12 8.64 -2.53
N SER A 82 -11.12 9.04 -3.30
CA SER A 82 -11.72 10.37 -3.16
C SER A 82 -12.36 10.58 -1.79
N GLN A 83 -12.64 9.49 -1.08
CA GLN A 83 -13.29 9.60 0.23
C GLN A 83 -12.27 9.60 1.38
N CYS A 84 -10.99 9.41 1.05
CA CYS A 84 -9.95 9.45 2.06
C CYS A 84 -9.38 10.84 2.18
N ASP A 85 -9.22 11.29 3.42
CA ASP A 85 -8.55 12.54 3.69
C ASP A 85 -7.64 12.35 4.88
N SER A 86 -6.40 11.94 4.60
CA SER A 86 -5.47 11.54 5.65
C SER A 86 -4.05 11.81 5.22
N PRO A 87 -3.20 12.27 6.16
CA PRO A 87 -1.77 12.41 5.90
C PRO A 87 -1.12 11.07 5.54
N TYR A 88 -1.83 9.96 5.74
CA TYR A 88 -1.23 8.64 5.54
C TYR A 88 -1.74 7.90 4.32
N VAL A 89 -2.52 8.60 3.50
CA VAL A 89 -3.09 8.03 2.29
C VAL A 89 -2.84 8.98 1.13
N THR A 90 -2.32 8.45 0.02
CA THR A 90 -2.11 9.26 -1.19
C THR A 90 -3.33 10.08 -1.57
N LYS A 91 -3.12 11.37 -1.81
CA LYS A 91 -4.19 12.26 -2.22
C LYS A 91 -4.64 11.97 -3.65
N TYR A 92 -5.93 12.18 -3.91
CA TYR A 92 -6.50 12.08 -5.26
C TYR A 92 -6.95 13.47 -5.68
N TYR A 93 -6.52 13.91 -6.85
CA TYR A 93 -6.76 15.29 -7.25
C TYR A 93 -7.89 15.44 -8.28
N GLY A 94 -8.23 14.34 -8.95
CA GLY A 94 -9.25 14.39 -9.97
C GLY A 94 -8.85 13.58 -11.19
N SER A 95 -9.79 13.38 -12.12
CA SER A 95 -9.52 12.58 -13.30
C SER A 95 -9.90 13.33 -14.58
N TYR A 96 -9.26 12.95 -15.68
CA TYR A 96 -9.46 13.61 -16.98
C TYR A 96 -9.62 12.56 -18.06
N LEU A 97 -10.33 12.89 -19.12
CA LEU A 97 -10.38 12.00 -20.27
C LEU A 97 -9.68 12.64 -21.46
N LYS A 98 -8.79 11.89 -22.09
CA LYS A 98 -8.14 12.31 -23.32
C LYS A 98 -8.34 11.23 -24.36
N ASP A 99 -9.23 11.49 -25.32
CA ASP A 99 -9.66 10.48 -26.27
C ASP A 99 -10.18 9.27 -25.51
N THR A 100 -9.51 8.13 -25.60
CA THR A 100 -10.02 6.94 -24.91
C THR A 100 -9.29 6.68 -23.60
N LYS A 101 -8.40 7.59 -23.22
CA LYS A 101 -7.54 7.36 -22.05
C LYS A 101 -7.96 8.20 -20.85
N LEU A 102 -8.04 7.54 -19.70
CA LEU A 102 -8.34 8.21 -18.45
C LEU A 102 -7.03 8.59 -17.77
N TRP A 103 -6.90 9.88 -17.43
CA TRP A 103 -5.76 10.37 -16.66
C TRP A 103 -6.16 10.55 -15.19
N ILE A 104 -5.63 9.71 -14.31
CA ILE A 104 -5.96 9.80 -12.89
C ILE A 104 -4.82 10.50 -12.15
N ILE A 105 -5.10 11.67 -11.60
CA ILE A 105 -4.05 12.51 -11.02
C ILE A 105 -4.00 12.33 -9.50
N MET A 106 -2.83 11.95 -9.01
CA MET A 106 -2.68 11.59 -7.61
C MET A 106 -1.45 12.22 -7.02
N GLU A 107 -1.34 12.14 -5.70
CA GLU A 107 -0.20 12.67 -4.98
C GLU A 107 1.10 12.01 -5.42
N TYR A 108 2.13 12.80 -5.63
CA TYR A 108 3.46 12.26 -5.90
C TYR A 108 4.28 12.21 -4.63
N LEU A 109 4.93 11.08 -4.42
CA LEU A 109 5.82 10.90 -3.28
C LEU A 109 7.21 10.54 -3.78
N GLY A 110 8.16 11.43 -3.55
CA GLY A 110 9.43 11.34 -4.24
C GLY A 110 10.49 10.48 -3.60
N GLY A 111 10.19 9.89 -2.45
CA GLY A 111 11.17 9.12 -1.73
C GLY A 111 11.31 7.71 -2.26
N GLY A 112 10.29 7.24 -2.97
CA GLY A 112 10.23 5.86 -3.43
C GLY A 112 9.44 4.98 -2.48
N SER A 113 9.17 3.73 -2.86
CA SER A 113 8.44 2.81 -1.98
C SER A 113 9.39 2.21 -0.97
N ALA A 114 8.85 1.69 0.14
CA ALA A 114 9.67 1.03 1.14
C ALA A 114 10.47 -0.11 0.49
N LEU A 115 9.86 -0.77 -0.49
CA LEU A 115 10.53 -1.87 -1.19
C LEU A 115 11.76 -1.35 -1.93
N ASP A 116 11.60 -0.25 -2.67
CA ASP A 116 12.73 0.40 -3.34
C ASP A 116 13.87 0.65 -2.37
N LEU A 117 13.51 1.15 -1.18
CA LEU A 117 14.50 1.58 -0.21
C LEU A 117 15.27 0.42 0.42
N LEU A 118 14.78 -0.80 0.18
CA LEU A 118 15.45 -2.03 0.61
C LEU A 118 16.57 -2.48 -0.35
N GLU A 119 16.58 -1.95 -1.57
CA GLU A 119 17.56 -2.38 -2.57
C GLU A 119 19.03 -2.16 -2.14
N PRO A 120 19.35 -1.03 -1.48
CA PRO A 120 20.76 -0.94 -1.10
C PRO A 120 21.22 -1.90 0.02
N GLY A 121 20.28 -2.48 0.75
CA GLY A 121 20.64 -3.33 1.88
C GLY A 121 19.56 -3.34 2.94
N PRO A 122 19.79 -4.08 4.04
CA PRO A 122 18.73 -4.22 5.04
C PRO A 122 18.36 -2.94 5.75
N LEU A 123 17.15 -2.91 6.29
CA LEU A 123 16.74 -1.87 7.23
C LEU A 123 17.22 -2.23 8.64
N ASP A 124 17.37 -1.24 9.51
CA ASP A 124 17.58 -1.56 10.92
C ASP A 124 16.22 -1.53 11.61
N GLU A 125 16.16 -1.99 12.85
CA GLU A 125 14.85 -2.14 13.49
C GLU A 125 14.20 -0.80 13.84
N THR A 126 15.00 0.25 13.94
CA THR A 126 14.44 1.58 14.14
C THR A 126 13.65 1.99 12.88
N GLN A 127 14.25 1.72 11.73
CA GLN A 127 13.60 2.06 10.46
C GLN A 127 12.36 1.20 10.24
N ILE A 128 12.49 -0.09 10.50
CA ILE A 128 11.35 -1.01 10.40
C ILE A 128 10.20 -0.55 11.31
N ALA A 129 10.50 -0.26 12.57
CA ALA A 129 9.46 0.19 13.51
C ALA A 129 8.80 1.52 13.11
N THR A 130 9.60 2.45 12.62
CA THR A 130 9.08 3.74 12.17
C THR A 130 8.15 3.57 10.96
N ILE A 131 8.57 2.78 9.97
CA ILE A 131 7.73 2.58 8.81
C ILE A 131 6.45 1.80 9.18
N LEU A 132 6.58 0.73 9.96
CA LEU A 132 5.38 0.03 10.44
C LEU A 132 4.43 0.93 11.25
N ARG A 133 4.99 1.82 12.08
CA ARG A 133 4.14 2.71 12.85
C ARG A 133 3.30 3.62 11.93
N GLU A 134 3.93 4.15 10.89
CA GLU A 134 3.21 5.03 9.98
C GLU A 134 2.17 4.26 9.14
N ILE A 135 2.52 3.04 8.73
CA ILE A 135 1.55 2.16 8.06
C ILE A 135 0.34 1.94 8.97
N LEU A 136 0.59 1.66 10.24
CA LEU A 136 -0.48 1.47 11.22
C LEU A 136 -1.37 2.71 11.38
N LYS A 137 -0.77 3.90 11.30
CA LYS A 137 -1.56 5.13 11.36
C LYS A 137 -2.49 5.19 10.14
N GLY A 138 -1.96 4.79 8.98
CA GLY A 138 -2.76 4.71 7.77
C GLY A 138 -3.89 3.68 7.89
N LEU A 139 -3.56 2.49 8.39
CA LEU A 139 -4.58 1.44 8.55
C LEU A 139 -5.63 1.83 9.58
N ASP A 140 -5.20 2.43 10.68
CA ASP A 140 -6.15 2.89 11.69
C ASP A 140 -7.15 3.86 11.08
N TYR A 141 -6.66 4.76 10.24
CA TYR A 141 -7.53 5.71 9.58
C TYR A 141 -8.53 4.99 8.70
N LEU A 142 -8.01 4.14 7.81
CA LEU A 142 -8.86 3.43 6.87
C LEU A 142 -9.89 2.60 7.61
N HIS A 143 -9.45 1.84 8.61
CA HIS A 143 -10.36 0.93 9.28
C HIS A 143 -11.42 1.67 10.07
N SER A 144 -11.07 2.85 10.60
CA SER A 144 -12.04 3.70 11.28
C SER A 144 -13.11 4.21 10.28
N GLU A 145 -12.76 4.29 9.01
CA GLU A 145 -13.69 4.69 7.96
C GLU A 145 -14.40 3.49 7.36
N LYS A 146 -14.22 2.32 7.99
CA LYS A 146 -14.77 1.05 7.51
C LYS A 146 -14.25 0.68 6.13
N LYS A 147 -13.02 1.10 5.84
CA LYS A 147 -12.39 0.77 4.57
C LYS A 147 -11.30 -0.27 4.83
N ILE A 148 -11.09 -1.14 3.84
CA ILE A 148 -10.02 -2.14 3.91
C ILE A 148 -9.15 -1.97 2.67
N HIS A 149 -7.83 -1.96 2.85
CA HIS A 149 -6.91 -1.72 1.73
C HIS A 149 -6.77 -2.96 0.85
N ARG A 150 -6.51 -4.10 1.51
CA ARG A 150 -6.44 -5.44 0.91
C ARG A 150 -5.23 -5.68 0.00
N ASP A 151 -4.36 -4.67 -0.17
CA ASP A 151 -3.12 -4.94 -0.88
C ASP A 151 -1.91 -4.29 -0.19
N ILE A 152 -1.89 -4.37 1.14
CA ILE A 152 -0.73 -3.92 1.91
C ILE A 152 0.52 -4.78 1.64
N LYS A 153 1.59 -4.09 1.21
CA LYS A 153 2.89 -4.69 0.95
C LYS A 153 3.87 -3.53 0.79
N ALA A 154 5.18 -3.81 0.94
CA ALA A 154 6.18 -2.74 0.92
C ALA A 154 6.17 -1.93 -0.40
N ALA A 155 5.78 -2.54 -1.50
CA ALA A 155 5.74 -1.82 -2.79
C ALA A 155 4.67 -0.75 -2.78
N ASN A 156 3.64 -0.94 -1.95
CA ASN A 156 2.53 0.01 -1.86
C ASN A 156 2.63 0.98 -0.68
N VAL A 157 3.79 1.01 -0.05
CA VAL A 157 4.06 1.94 1.03
C VAL A 157 5.08 2.95 0.52
N LEU A 158 4.67 4.22 0.36
CA LEU A 158 5.48 5.24 -0.31
C LEU A 158 5.99 6.29 0.66
N LEU A 159 7.19 6.80 0.41
CA LEU A 159 7.76 7.85 1.23
C LEU A 159 7.86 9.19 0.48
N SER A 160 7.58 10.29 1.15
CA SER A 160 7.86 11.60 0.57
C SER A 160 9.38 11.83 0.65
N GLU A 161 9.88 12.88 0.00
CA GLU A 161 11.32 13.14 0.06
C GLU A 161 11.70 13.58 1.47
N HIS A 162 10.69 13.90 2.29
CA HIS A 162 10.93 14.31 3.69
C HIS A 162 10.77 13.16 4.68
N GLY A 163 10.47 11.96 4.18
CA GLY A 163 10.38 10.78 5.03
C GLY A 163 8.97 10.46 5.54
N GLU A 164 7.98 11.22 5.08
CA GLU A 164 6.59 10.91 5.42
C GLU A 164 6.22 9.59 4.76
N VAL A 165 5.38 8.79 5.42
CA VAL A 165 5.04 7.46 4.92
C VAL A 165 3.55 7.35 4.62
N LYS A 166 3.20 6.96 3.39
CA LYS A 166 1.79 6.91 2.98
C LYS A 166 1.43 5.61 2.29
N LEU A 167 0.18 5.20 2.45
CA LEU A 167 -0.35 4.03 1.75
C LEU A 167 -0.79 4.42 0.35
N ALA A 168 -0.49 3.57 -0.62
CA ALA A 168 -0.85 3.83 -2.01
C ALA A 168 -1.49 2.60 -2.66
N ASP A 169 -1.99 2.81 -3.87
CA ASP A 169 -2.58 1.78 -4.72
C ASP A 169 -3.80 1.18 -4.07
N PHE A 170 -4.93 1.81 -4.33
CA PHE A 170 -6.19 1.41 -3.76
C PHE A 170 -6.98 0.59 -4.75
N GLY A 171 -6.24 -0.03 -5.67
CA GLY A 171 -6.81 -0.83 -6.74
C GLY A 171 -7.75 -1.93 -6.29
N VAL A 172 -7.55 -2.50 -5.10
CA VAL A 172 -8.50 -3.50 -4.65
C VAL A 172 -9.12 -3.16 -3.29
N ALA A 173 -9.05 -1.88 -2.92
CA ALA A 173 -9.56 -1.46 -1.62
C ALA A 173 -11.08 -1.66 -1.56
N GLY A 174 -11.60 -1.91 -0.36
CA GLY A 174 -13.00 -2.23 -0.20
C GLY A 174 -13.69 -1.45 0.88
N GLN A 175 -15.01 -1.33 0.77
CA GLN A 175 -15.79 -0.56 1.74
C GLN A 175 -16.79 -1.45 2.49
N LEU A 176 -16.73 -1.40 3.82
CA LEU A 176 -17.70 -2.10 4.65
C LEU A 176 -18.87 -1.16 4.90
N THR A 177 -20.08 -1.71 4.96
CA THR A 177 -21.29 -0.94 5.24
C THR A 177 -22.08 -1.67 6.32
N ASP A 178 -23.14 -1.04 6.83
CA ASP A 178 -23.95 -1.68 7.86
C ASP A 178 -24.82 -2.82 7.29
N THR A 179 -24.97 -2.85 5.97
CA THR A 179 -25.70 -3.94 5.31
C THR A 179 -24.73 -5.03 4.84
N GLN A 180 -23.44 -4.71 4.86
CA GLN A 180 -22.42 -5.66 4.44
C GLN A 180 -21.20 -5.52 5.35
N ILE A 181 -21.21 -6.32 6.43
CA ILE A 181 -20.27 -6.19 7.52
C ILE A 181 -18.93 -6.80 7.16
N LYS A 182 -18.94 -7.77 6.25
CA LYS A 182 -17.72 -8.43 5.83
C LYS A 182 -17.69 -8.56 4.31
N ARG A 183 -16.54 -8.95 3.79
CA ARG A 183 -16.37 -9.13 2.35
C ARG A 183 -15.82 -10.51 2.14
N ASN A 184 -15.91 -11.01 0.91
CA ASN A 184 -15.41 -12.34 0.61
C ASN A 184 -14.69 -12.41 -0.73
N TPO A 185 -14.48 -11.26 -1.37
CA TPO A 185 -13.84 -11.24 -2.69
CB TPO A 185 -14.01 -9.86 -3.31
CG2 TPO A 185 -13.38 -9.82 -4.71
OG1 TPO A 185 -15.43 -9.66 -3.44
P TPO A 185 -15.84 -8.14 -3.07
O1P TPO A 185 -15.00 -7.58 -2.00
O2P TPO A 185 -17.38 -8.17 -2.61
O3P TPO A 185 -15.69 -7.25 -4.40
C TPO A 185 -12.37 -11.66 -2.65
O TPO A 185 -11.62 -11.26 -1.76
N PHE A 186 -11.97 -12.51 -3.59
CA PHE A 186 -10.57 -12.92 -3.72
C PHE A 186 -9.76 -11.79 -4.35
N VAL A 187 -9.09 -10.98 -3.54
CA VAL A 187 -8.24 -9.90 -4.05
C VAL A 187 -6.96 -9.74 -3.22
N GLY A 188 -5.93 -9.22 -3.86
CA GLY A 188 -4.69 -8.92 -3.16
C GLY A 188 -3.51 -9.45 -3.92
N THR A 189 -2.35 -9.51 -3.26
CA THR A 189 -1.18 -10.10 -3.88
C THR A 189 -0.89 -11.37 -3.07
N PRO A 190 -0.92 -12.53 -3.75
CA PRO A 190 -0.94 -13.83 -3.05
C PRO A 190 0.00 -13.98 -1.84
N PHE A 191 1.28 -13.63 -1.94
CA PHE A 191 2.19 -13.84 -0.79
C PHE A 191 1.76 -13.07 0.46
N TRP A 192 1.01 -11.99 0.27
CA TRP A 192 0.64 -11.10 1.37
C TRP A 192 -0.80 -11.31 1.82
N MET A 193 -1.53 -12.18 1.13
CA MET A 193 -2.96 -12.36 1.39
C MET A 193 -3.22 -13.19 2.63
N ALA A 194 -4.25 -12.79 3.40
CA ALA A 194 -4.67 -13.54 4.59
C ALA A 194 -5.33 -14.86 4.20
N PRO A 195 -5.21 -15.87 5.08
CA PRO A 195 -5.81 -17.18 4.80
C PRO A 195 -7.31 -17.11 4.53
N GLU A 196 -8.05 -16.30 5.27
CA GLU A 196 -9.49 -16.22 5.07
C GLU A 196 -9.84 -15.52 3.75
N VAL A 197 -8.96 -14.65 3.25
CA VAL A 197 -9.21 -14.01 1.97
C VAL A 197 -8.98 -15.02 0.84
N ILE A 198 -7.88 -15.76 0.93
CA ILE A 198 -7.57 -16.83 -0.02
C ILE A 198 -8.70 -17.87 -0.07
N LYS A 199 -9.22 -18.26 1.09
CA LYS A 199 -10.29 -19.25 1.10
C LYS A 199 -11.64 -18.61 0.80
N GLN A 200 -11.64 -17.30 0.60
CA GLN A 200 -12.87 -16.54 0.36
C GLN A 200 -13.93 -16.74 1.44
N SER A 201 -13.47 -16.82 2.69
CA SER A 201 -14.36 -16.73 3.86
C SER A 201 -14.75 -15.28 4.09
N ALA A 202 -15.75 -15.07 4.94
CA ALA A 202 -16.12 -13.71 5.31
C ALA A 202 -14.94 -13.07 6.04
N TYR A 203 -14.54 -11.87 5.63
CA TYR A 203 -13.41 -11.20 6.28
C TYR A 203 -13.61 -9.69 6.36
N ASP A 204 -12.78 -9.03 7.15
CA ASP A 204 -12.88 -7.59 7.32
C ASP A 204 -11.48 -6.98 7.46
N SER A 205 -11.38 -5.89 8.22
CA SER A 205 -10.10 -5.20 8.39
C SER A 205 -8.97 -6.09 8.93
N LYS A 206 -9.31 -7.18 9.61
CA LYS A 206 -8.27 -8.02 10.18
C LYS A 206 -7.41 -8.62 9.07
N ALA A 207 -7.95 -8.73 7.86
CA ALA A 207 -7.17 -9.22 6.72
C ALA A 207 -5.98 -8.31 6.43
N ASP A 208 -6.18 -7.00 6.53
CA ASP A 208 -5.08 -6.04 6.44
C ASP A 208 -4.01 -6.27 7.52
N ILE A 209 -4.46 -6.66 8.72
CA ILE A 209 -3.49 -6.90 9.82
C ILE A 209 -2.60 -8.11 9.51
N TRP A 210 -3.17 -9.17 8.97
CA TRP A 210 -2.32 -10.25 8.46
C TRP A 210 -1.33 -9.74 7.39
N SER A 211 -1.80 -9.02 6.38
CA SER A 211 -0.90 -8.50 5.34
C SER A 211 0.20 -7.63 5.96
N LEU A 212 -0.14 -6.91 7.02
CA LEU A 212 0.86 -6.09 7.71
C LEU A 212 1.97 -6.96 8.29
N GLY A 213 1.60 -8.10 8.88
CA GLY A 213 2.58 -9.03 9.41
C GLY A 213 3.52 -9.55 8.33
N ILE A 214 2.97 -9.87 7.17
CA ILE A 214 3.81 -10.29 6.05
C ILE A 214 4.74 -9.16 5.64
N THR A 215 4.20 -7.95 5.63
CA THR A 215 4.98 -6.77 5.25
C THR A 215 6.11 -6.54 6.27
N ALA A 216 5.83 -6.80 7.55
CA ALA A 216 6.87 -6.66 8.57
C ALA A 216 8.01 -7.64 8.29
N ILE A 217 7.68 -8.87 7.89
CA ILE A 217 8.71 -9.83 7.51
C ILE A 217 9.47 -9.32 6.27
N GLU A 218 8.71 -8.78 5.33
CA GLU A 218 9.28 -8.22 4.11
C GLU A 218 10.27 -7.10 4.43
N LEU A 219 9.89 -6.20 5.34
CA LEU A 219 10.75 -5.10 5.73
C LEU A 219 12.02 -5.58 6.45
N ALA A 220 11.91 -6.69 7.17
CA ALA A 220 13.02 -7.21 7.98
C ALA A 220 13.98 -8.06 7.14
N ARG A 221 13.40 -8.84 6.22
CA ARG A 221 14.15 -9.85 5.48
C ARG A 221 14.36 -9.49 4.02
N GLY A 222 13.54 -8.59 3.48
CA GLY A 222 13.69 -8.16 2.09
C GLY A 222 12.68 -8.76 1.13
N GLU A 223 12.02 -9.84 1.57
CA GLU A 223 11.06 -10.60 0.79
C GLU A 223 10.04 -11.21 1.73
N PRO A 224 8.82 -11.49 1.25
CA PRO A 224 7.83 -12.14 2.10
C PRO A 224 8.11 -13.65 2.17
N PRO A 225 7.46 -14.37 3.10
CA PRO A 225 7.54 -15.84 3.10
C PRO A 225 7.07 -16.42 1.76
N HIS A 226 7.62 -17.57 1.37
CA HIS A 226 7.23 -18.28 0.14
C HIS A 226 7.64 -17.57 -1.14
N SER A 227 8.47 -16.53 -1.03
CA SER A 227 8.78 -15.68 -2.18
C SER A 227 9.45 -16.45 -3.32
N GLU A 228 9.98 -17.64 -3.01
CA GLU A 228 10.69 -18.46 -3.97
C GLU A 228 9.76 -19.39 -4.76
N LEU A 229 8.51 -19.48 -4.32
CA LEU A 229 7.55 -20.43 -4.89
C LEU A 229 6.65 -19.77 -5.93
N HIS A 230 6.05 -20.61 -6.76
CA HIS A 230 5.03 -20.13 -7.68
C HIS A 230 3.82 -19.69 -6.85
N PRO A 231 3.27 -18.51 -7.17
CA PRO A 231 2.18 -17.95 -6.37
C PRO A 231 0.98 -18.89 -6.28
N MET A 232 0.78 -19.77 -7.27
CA MET A 232 -0.32 -20.72 -7.17
C MET A 232 -0.17 -21.65 -5.96
N LYS A 233 1.06 -21.99 -5.60
CA LYS A 233 1.28 -22.85 -4.45
C LYS A 233 0.75 -22.26 -3.13
N VAL A 234 0.78 -20.94 -2.99
CA VAL A 234 0.36 -20.36 -1.71
C VAL A 234 -1.16 -20.44 -1.51
N LEU A 235 -1.87 -20.69 -2.60
CA LEU A 235 -3.32 -20.94 -2.54
C LEU A 235 -3.71 -22.09 -1.62
N PHE A 236 -2.82 -23.08 -1.47
CA PHE A 236 -3.07 -24.13 -0.47
C PHE A 236 -2.11 -23.99 0.71
N LEU A 237 -0.89 -23.51 0.46
CA LEU A 237 0.08 -23.43 1.55
C LEU A 237 -0.36 -22.50 2.68
N ILE A 238 -0.83 -21.31 2.33
CA ILE A 238 -1.19 -20.33 3.34
C ILE A 238 -2.37 -20.82 4.20
N PRO A 239 -3.46 -21.33 3.58
CA PRO A 239 -4.53 -21.85 4.45
C PRO A 239 -4.12 -23.10 5.24
N LYS A 240 -3.31 -23.95 4.67
CA LYS A 240 -2.96 -25.23 5.30
C LYS A 240 -1.86 -25.12 6.38
N ASN A 241 -0.77 -24.42 6.08
CA ASN A 241 0.37 -24.37 6.99
C ASN A 241 0.14 -23.50 8.22
N ASN A 242 0.94 -23.75 9.25
CA ASN A 242 1.02 -22.84 10.38
C ASN A 242 1.45 -21.48 9.83
N PRO A 243 1.06 -20.39 10.50
CA PRO A 243 1.46 -19.09 9.95
C PRO A 243 2.98 -18.91 9.95
N PRO A 244 3.49 -18.08 9.03
CA PRO A 244 4.92 -17.78 8.99
C PRO A 244 5.37 -17.11 10.28
N THR A 245 6.65 -17.26 10.61
CA THR A 245 7.25 -16.49 11.68
C THR A 245 8.49 -15.82 11.13
N LEU A 246 8.96 -14.80 11.83
CA LEU A 246 10.18 -14.11 11.40
C LEU A 246 11.40 -14.88 11.89
N GLU A 247 12.18 -15.41 10.96
CA GLU A 247 13.35 -16.20 11.33
C GLU A 247 14.63 -15.43 11.11
N GLY A 248 15.53 -15.55 12.08
CA GLY A 248 16.84 -14.93 11.97
C GLY A 248 17.13 -14.13 13.22
N ASN A 249 18.19 -13.35 13.16
CA ASN A 249 18.61 -12.56 14.30
C ASN A 249 17.86 -11.23 14.41
N TYR A 250 16.61 -11.30 14.86
CA TYR A 250 15.82 -10.09 15.08
C TYR A 250 15.32 -10.06 16.54
N SER A 251 15.02 -8.86 17.04
CA SER A 251 14.66 -8.72 18.44
C SER A 251 13.38 -9.50 18.75
N LYS A 252 13.23 -9.93 20.00
CA LYS A 252 12.02 -10.63 20.38
C LYS A 252 10.77 -9.77 20.17
N PRO A 253 10.83 -8.46 20.48
CA PRO A 253 9.62 -7.68 20.21
C PRO A 253 9.21 -7.67 18.74
N LEU A 254 10.17 -7.62 17.82
CA LEU A 254 9.83 -7.64 16.40
C LEU A 254 9.24 -8.99 16.03
N LYS A 255 9.85 -10.08 16.48
CA LYS A 255 9.29 -11.40 16.22
C LYS A 255 7.88 -11.53 16.78
N GLU A 256 7.63 -10.98 17.97
CA GLU A 256 6.28 -11.04 18.56
C GLU A 256 5.27 -10.13 17.85
N PHE A 257 5.74 -8.99 17.35
CA PHE A 257 4.89 -8.14 16.52
C PHE A 257 4.39 -8.95 15.32
N VAL A 258 5.34 -9.59 14.65
CA VAL A 258 5.00 -10.44 13.49
C VAL A 258 4.02 -11.55 13.88
N GLU A 259 4.31 -12.29 14.95
CA GLU A 259 3.42 -13.35 15.40
C GLU A 259 2.01 -12.87 15.73
N ALA A 260 1.90 -11.68 16.35
CA ALA A 260 0.59 -11.15 16.71
C ALA A 260 -0.25 -10.92 15.47
N CYS A 261 0.37 -10.38 14.43
CA CYS A 261 -0.31 -10.14 13.17
C CYS A 261 -0.68 -11.44 12.46
N LEU A 262 0.27 -12.37 12.45
CA LEU A 262 0.11 -13.60 11.68
C LEU A 262 -0.48 -14.72 12.52
N ASN A 263 -1.73 -14.55 12.93
CA ASN A 263 -2.51 -15.62 13.53
C ASN A 263 -3.55 -16.09 12.52
N LYS A 264 -3.77 -17.39 12.42
CA LYS A 264 -4.75 -17.91 11.48
C LYS A 264 -6.16 -17.46 11.84
N GLU A 265 -6.41 -17.23 13.12
CA GLU A 265 -7.72 -16.74 13.55
C GLU A 265 -7.77 -15.21 13.56
N PRO A 266 -8.58 -14.60 12.65
CA PRO A 266 -8.59 -13.14 12.54
C PRO A 266 -8.94 -12.43 13.85
N SER A 267 -9.83 -12.99 14.65
CA SER A 267 -10.24 -12.34 15.89
C SER A 267 -9.12 -12.32 16.93
N PHE A 268 -8.09 -13.14 16.70
CA PHE A 268 -6.92 -13.18 17.59
C PHE A 268 -5.86 -12.14 17.17
N ARG A 269 -6.01 -11.56 15.99
CA ARG A 269 -5.12 -10.47 15.56
C ARG A 269 -5.51 -9.17 16.23
N PRO A 270 -4.53 -8.38 16.68
CA PRO A 270 -4.86 -7.09 17.28
C PRO A 270 -5.37 -6.11 16.23
N THR A 271 -6.05 -5.05 16.66
CA THR A 271 -6.42 -3.95 15.78
C THR A 271 -5.19 -3.09 15.46
N ALA A 272 -5.28 -2.27 14.41
CA ALA A 272 -4.19 -1.35 14.10
C ALA A 272 -3.96 -0.39 15.26
N LYS A 273 -5.04 0.10 15.84
CA LYS A 273 -4.95 1.00 16.98
C LYS A 273 -4.15 0.37 18.11
N GLU A 274 -4.45 -0.89 18.41
CA GLU A 274 -3.72 -1.60 19.44
C GLU A 274 -2.25 -1.77 19.11
N LEU A 275 -1.96 -2.07 17.85
CA LEU A 275 -0.57 -2.31 17.45
C LEU A 275 0.27 -1.04 17.54
N LEU A 276 -0.36 0.13 17.48
CA LEU A 276 0.37 1.39 17.65
C LEU A 276 1.05 1.50 19.04
N LYS A 277 0.57 0.73 20.00
CA LYS A 277 1.16 0.71 21.35
C LYS A 277 1.97 -0.55 21.62
N HIS A 278 2.22 -1.33 20.58
CA HIS A 278 3.00 -2.55 20.75
C HIS A 278 4.42 -2.17 21.15
N LYS A 279 4.98 -2.93 22.08
CA LYS A 279 6.34 -2.66 22.58
C LYS A 279 7.39 -2.55 21.45
N PHE A 280 7.24 -3.32 20.38
CA PHE A 280 8.25 -3.17 19.31
C PHE A 280 8.20 -1.76 18.72
N ILE A 281 7.00 -1.24 18.52
CA ILE A 281 6.84 0.11 18.00
C ILE A 281 7.30 1.18 19.01
N LEU A 282 6.82 1.10 20.25
CA LEU A 282 7.15 2.14 21.23
C LEU A 282 8.64 2.17 21.55
N ARG A 283 9.29 1.01 21.58
CA ARG A 283 10.71 0.97 21.95
C ARG A 283 11.66 1.35 20.81
N ASN A 284 11.20 1.23 19.57
CA ASN A 284 12.11 1.37 18.44
C ASN A 284 11.78 2.48 17.44
N ALA A 285 10.51 2.84 17.30
CA ALA A 285 10.13 3.84 16.31
C ALA A 285 10.70 5.20 16.69
N LYS A 286 11.13 5.94 15.68
CA LYS A 286 11.60 7.31 15.90
C LYS A 286 10.93 8.27 14.94
N LYS A 287 11.39 9.51 14.93
CA LYS A 287 10.82 10.55 14.09
C LYS A 287 10.86 10.14 12.61
N THR A 288 9.83 10.45 11.83
CA THR A 288 9.84 10.04 10.42
C THR A 288 10.91 10.78 9.63
N SER A 289 11.25 11.99 10.05
CA SER A 289 12.27 12.78 9.36
C SER A 289 13.59 12.03 9.25
N TYR A 290 13.87 11.14 10.22
CA TYR A 290 15.07 10.32 10.17
C TYR A 290 15.11 9.38 8.98
N LEU A 291 13.96 9.08 8.39
CA LEU A 291 13.91 8.20 7.23
C LEU A 291 14.53 8.84 5.99
N THR A 292 14.84 10.14 6.04
CA THR A 292 15.52 10.75 4.90
C THR A 292 16.88 10.09 4.67
N GLU A 293 17.49 9.56 5.73
CA GLU A 293 18.77 8.87 5.59
CA GLU A 293 18.76 8.87 5.58
C GLU A 293 18.61 7.64 4.68
N LEU A 294 17.48 6.96 4.81
CA LEU A 294 17.17 5.83 3.97
C LEU A 294 16.96 6.27 2.51
N ILE A 295 16.30 7.39 2.35
CA ILE A 295 16.08 7.94 1.01
C ILE A 295 17.41 8.37 0.41
N ASP A 296 18.24 9.07 1.19
CA ASP A 296 19.57 9.47 0.70
C ASP A 296 20.39 8.23 0.32
N ARG A 297 20.31 7.19 1.13
CA ARG A 297 21.07 5.96 0.89
C ARG A 297 20.72 5.38 -0.47
N TYR A 298 19.43 5.35 -0.78
CA TYR A 298 18.94 4.82 -2.04
C TYR A 298 19.39 5.68 -3.22
N LYS A 299 19.44 7.00 -3.00
CA LYS A 299 19.92 7.90 -4.04
C LYS A 299 21.40 7.69 -4.32
N ARG A 300 22.22 7.65 -3.28
CA ARG A 300 23.65 7.39 -3.45
C ARG A 300 23.92 6.06 -4.12
N TRP A 301 23.14 5.05 -3.74
CA TRP A 301 23.28 3.69 -4.30
C TRP A 301 22.88 3.63 -5.77
N LYS A 302 21.78 4.29 -6.09
CA LYS A 302 21.29 4.35 -7.46
C LYS A 302 22.35 4.97 -8.36
N ALA A 303 23.00 6.01 -7.87
CA ALA A 303 24.04 6.72 -8.60
C ALA A 303 25.35 5.93 -8.68
N GLU A 304 25.34 4.70 -8.15
CA GLU A 304 26.55 3.91 -7.98
C GLU A 304 27.57 4.65 -7.12
C1 EDO B . 10.32 -7.76 26.56
O1 EDO B . 8.98 -7.45 26.99
C2 EDO B . 10.46 -7.94 25.06
O2 EDO B . 10.38 -9.30 24.68
C01 34L C . 1.90 4.91 -7.30
C02 34L C . 0.52 4.71 -7.28
C03 34L C . -0.36 5.77 -6.88
C04 34L C . 0.16 7.00 -6.52
C05 34L C . 1.58 7.22 -6.55
C06 34L C . 2.44 6.18 -6.94
N07 34L C . 2.34 8.30 -6.26
C08 34L C . 3.63 8.01 -6.45
C09 34L C . 3.76 6.66 -6.87
C10 34L C . 5.02 5.88 -7.20
C11 34L C . 6.44 6.34 -6.95
C12 34L C . 8.22 7.52 -6.48
N13 34L C . 6.88 7.55 -6.57
C14 34L C . 7.56 5.55 -7.12
N15 34L C . 8.63 6.30 -6.83
O16 34L C . 4.65 8.89 -6.25
N17 34L C . 0.10 3.39 -7.64
C18 34L C . 1.12 2.56 -7.99
S19 34L C . 2.57 3.42 -7.81
O1 PG4 D . 3.65 -25.36 8.73
C1 PG4 D . 5.02 -25.02 8.45
C2 PG4 D . 5.15 -23.46 8.56
O2 PG4 D . 6.07 -23.13 9.60
C3 PG4 D . 6.12 -21.78 9.92
C4 PG4 D . 7.58 -21.40 10.25
O3 PG4 D . 7.80 -20.02 9.91
C5 PG4 D . 8.74 -19.81 8.81
C6 PG4 D . 8.14 -18.75 7.89
O4 PG4 D . 7.99 -19.31 6.59
C7 PG4 D . 6.63 -19.39 6.10
C8 PG4 D . 5.95 -20.70 6.59
O5 PG4 D . 4.53 -20.63 6.46
S DMS E . -17.58 16.52 -15.15
O DMS E . -17.95 17.96 -15.25
C1 DMS E . -19.02 15.54 -14.66
C2 DMS E . -17.29 15.84 -16.82
CL CL F . 7.85 14.21 -2.05
#